data_8VDV
#
_entry.id   8VDV
#
_cell.length_a   63.086
_cell.length_b   70.846
_cell.length_c   149.007
_cell.angle_alpha   90.00
_cell.angle_beta   90.00
_cell.angle_gamma   90.00
#
_symmetry.space_group_name_H-M   'P 21 21 21'
#
loop_
_entity.id
_entity.type
_entity.pdbx_description
1 polymer 'Proprotein convertase subtilisin/kexin type 9'
2 polymer 'Proprotein convertase subtilisin/kexin type 9'
3 polymer 'Inhibitor YBX-PHE-VAL-GLY-THR-THR-PHA-MAA-BIF-EME-NEH'
4 water water
#
loop_
_entity_poly.entity_id
_entity_poly.type
_entity_poly.pdbx_seq_one_letter_code
_entity_poly.pdbx_strand_id
1 'polypeptide(L)'
;TATFHRCAKDPWRLPGTYVVVLKEETHLSQSERTARRLQAQAARRGYLTKILHVFHGLLPGFLVKMSGDLLELALKLPHV
DYIEEDSSVFAQ
;
A
2 'polypeptide(L)'
;SIPWNLERITPPRYRADEYQPPDGGSLVEVYLLDTSIQSDHREIEGRVMVTDFENVPEEDGTRFHRQASKCDSHGTHLAG
VVSGRDAGVAKGASMRSLRVLNCQGKGTVSGTLIGLEFIRKSQLVQPVGPLVVLLPLAGGYSRVLNAACQRLARAGVVLV
TAAGNFRDDACLYSPASAPEVITVGATNAQDQPVTLGTLGTNFGRCVDLFAPGEDIIGASSDCSTCFVSQSGTSQAAAHV
AGIAAMMLSAEPELTLAELRQRLIHFSAKDVINEAWFPEDQRVLTPNLVAALPPSTHGAGWQLFCRTVWSAHSGPTRMAT
AIARCAPDEELLSCSSFSRSGKRRGERMEAQGGKLVCRAHNAFGGEGVYAIARCCLLPQANCSVHTAPPAEASMGTRVHC
HQQGHVLTGCSSHWEVEDLGTHKPPVLRPRGQPNQCVGHREASIHASCCHAPGLECKVKEHGIPAPQEQVTVACEEGWTL
TGCSALPGTSHVLGAYAVDNTCVVRSRDVSTTGSTSEGAVTAVAICCRS
;
B
3 'polypeptide(L)' (YBX)FVGTT(PHA)(MAA)(BIF)(EME)(NEH) L
#
loop_
_chem_comp.id
_chem_comp.type
_chem_comp.name
_chem_comp.formula
NEH non-polymer ETHANAMINE 'C2 H7 N'
YBX non-polymer '(ethylsulfanyl)acetic acid' 'C4 H8 O2 S'
#
# COMPACT_ATOMS: atom_id res chain seq x y z
N THR A 1 9.20 28.05 3.69
CA THR A 1 8.78 26.75 4.19
C THR A 1 8.75 25.69 3.06
N ALA A 2 9.08 26.11 1.85
CA ALA A 2 9.01 25.29 0.65
C ALA A 2 10.28 24.43 0.60
N THR A 3 10.16 23.14 0.30
CA THR A 3 11.34 22.25 0.36
C THR A 3 11.62 21.57 -0.99
N PHE A 4 12.86 21.10 -1.15
CA PHE A 4 13.31 20.46 -2.37
C PHE A 4 13.62 18.98 -2.15
N HIS A 5 13.32 18.19 -3.17
CA HIS A 5 13.50 16.77 -3.08
C HIS A 5 14.00 16.21 -4.40
N ARG A 6 14.91 15.27 -4.30
CA ARG A 6 15.30 14.51 -5.48
C ARG A 6 15.58 13.07 -5.11
N CYS A 7 15.61 12.23 -6.13
CA CYS A 7 15.66 10.79 -5.96
C CYS A 7 16.96 10.42 -5.23
N ALA A 8 16.83 9.59 -4.20
CA ALA A 8 17.97 9.07 -3.41
C ALA A 8 18.82 8.11 -4.26
N LYS A 9 18.20 7.45 -5.23
CA LYS A 9 18.92 6.56 -6.15
C LYS A 9 19.53 7.38 -7.26
N ASP A 10 20.79 7.79 -7.09
CA ASP A 10 21.39 8.77 -7.97
C ASP A 10 21.34 8.46 -9.49
N PRO A 11 21.60 7.20 -9.89
CA PRO A 11 21.50 6.90 -11.34
C PRO A 11 20.08 7.13 -11.89
N TRP A 12 19.05 7.20 -11.05
CA TRP A 12 17.67 7.31 -11.57
C TRP A 12 17.17 8.76 -11.66
N ARG A 13 17.98 9.71 -11.19
CA ARG A 13 17.63 11.14 -11.25
C ARG A 13 17.66 11.63 -12.69
N LEU A 14 16.85 12.64 -12.98
CA LEU A 14 16.82 13.26 -14.30
C LEU A 14 16.91 14.77 -14.11
N PRO A 15 18.11 15.27 -13.81
CA PRO A 15 18.35 16.69 -13.55
C PRO A 15 17.92 17.55 -14.74
N GLY A 16 17.57 18.80 -14.47
CA GLY A 16 17.18 19.71 -15.53
C GLY A 16 15.68 19.81 -15.76
N THR A 17 14.88 18.94 -15.13
CA THR A 17 13.42 19.05 -15.17
C THR A 17 12.86 18.87 -13.77
N TYR A 18 11.94 19.74 -13.37
CA TYR A 18 11.43 19.85 -12.01
C TYR A 18 9.92 19.92 -12.00
N VAL A 19 9.32 19.21 -11.06
CA VAL A 19 7.90 19.30 -10.78
C VAL A 19 7.71 20.29 -9.65
N VAL A 20 7.01 21.39 -9.94
CA VAL A 20 6.79 22.43 -8.97
C VAL A 20 5.40 22.21 -8.40
N VAL A 21 5.31 21.84 -7.12
CA VAL A 21 4.02 21.53 -6.48
C VAL A 21 3.53 22.66 -5.61
N LEU A 22 2.33 23.14 -5.91
CA LEU A 22 1.79 24.29 -5.22
C LEU A 22 0.87 23.82 -4.10
N LYS A 23 0.48 24.73 -3.21
CA LYS A 23 -0.32 24.36 -2.04
C LYS A 23 -1.69 23.88 -2.49
N GLU A 24 -2.26 22.96 -1.71
CA GLU A 24 -3.47 22.21 -2.08
C GLU A 24 -4.60 23.01 -2.77
N GLU A 25 -4.99 24.16 -2.24
CA GLU A 25 -6.17 24.83 -2.82
C GLU A 25 -5.81 25.79 -3.94
N THR A 26 -4.56 25.81 -4.35
CA THR A 26 -4.17 26.71 -5.42
C THR A 26 -4.98 26.43 -6.69
N HIS A 27 -5.48 27.51 -7.31
CA HIS A 27 -6.31 27.43 -8.49
C HIS A 27 -5.47 27.42 -9.76
N LEU A 28 -5.98 26.74 -10.78
CA LEU A 28 -5.32 26.67 -12.08
C LEU A 28 -4.84 28.04 -12.56
N SER A 29 -5.68 29.07 -12.41
CA SER A 29 -5.28 30.41 -12.84
C SER A 29 -4.02 30.85 -12.08
N GLN A 30 -3.96 30.53 -10.81
CA GLN A 30 -2.79 30.87 -10.01
C GLN A 30 -1.55 30.06 -10.41
N SER A 31 -1.74 28.77 -10.72
CA SER A 31 -0.63 27.94 -11.16
C SER A 31 0.00 28.48 -12.44
N GLU A 32 -0.85 28.90 -13.38
CA GLU A 32 -0.37 29.45 -14.64
C GLU A 32 0.42 30.76 -14.41
N ARG A 33 -0.10 31.64 -13.55
CA ARG A 33 0.58 32.90 -13.22
C ARG A 33 1.93 32.66 -12.51
N THR A 34 1.96 31.67 -11.64
CA THR A 34 3.22 31.32 -10.96
C THR A 34 4.27 30.79 -11.96
N ALA A 35 3.83 29.97 -12.90
CA ALA A 35 4.72 29.51 -13.97
C ALA A 35 5.29 30.66 -14.81
N ARG A 36 4.44 31.59 -15.22
CA ARG A 36 4.88 32.75 -16.02
C ARG A 36 5.85 33.59 -15.21
N ARG A 37 5.56 33.73 -13.92
CA ARG A 37 6.43 34.50 -13.02
C ARG A 37 7.85 33.92 -12.92
N LEU A 38 7.93 32.60 -12.70
CA LEU A 38 9.22 31.89 -12.73
C LEU A 38 9.97 32.18 -14.04
N GLN A 39 9.27 32.06 -15.16
CA GLN A 39 9.93 32.24 -16.44
C GLN A 39 10.47 33.66 -16.63
N ALA A 40 9.71 34.63 -16.13
CA ALA A 40 10.11 36.04 -16.19
C ALA A 40 11.32 36.30 -15.28
N GLN A 41 11.24 35.84 -14.04
CA GLN A 41 12.35 36.00 -13.10
C GLN A 41 13.62 35.29 -13.54
N ALA A 42 13.47 34.12 -14.16
CA ALA A 42 14.57 33.38 -14.75
C ALA A 42 15.21 34.13 -15.92
N ALA A 43 14.38 34.57 -16.87
CA ALA A 43 14.85 35.31 -18.05
C ALA A 43 15.66 36.55 -17.69
N ARG A 44 15.26 37.26 -16.65
CA ARG A 44 15.97 38.44 -16.19
C ARG A 44 17.36 38.08 -15.65
N ARG A 45 17.51 36.81 -15.26
CA ARG A 45 18.78 36.31 -14.77
C ARG A 45 19.58 35.62 -15.86
N GLY A 46 19.07 35.67 -17.09
CA GLY A 46 19.75 35.10 -18.24
C GLY A 46 19.47 33.63 -18.50
N TYR A 47 18.43 33.07 -17.87
CA TYR A 47 18.13 31.66 -18.01
C TYR A 47 16.90 31.40 -18.90
N LEU A 48 17.02 30.50 -19.87
CA LEU A 48 15.86 29.99 -20.61
C LEU A 48 15.12 28.95 -19.78
N THR A 49 13.80 28.99 -19.82
CA THR A 49 13.01 27.97 -19.17
C THR A 49 11.94 27.51 -20.13
N LYS A 50 11.39 26.33 -19.89
CA LYS A 50 10.26 25.83 -20.66
C LYS A 50 9.26 25.20 -19.72
N ILE A 51 8.02 25.68 -19.80
CA ILE A 51 6.92 25.09 -19.04
C ILE A 51 6.34 23.98 -19.87
N LEU A 52 6.63 22.75 -19.45
CA LEU A 52 6.20 21.56 -20.20
C LEU A 52 4.73 21.18 -19.98
N HIS A 53 4.16 21.53 -18.84
CA HIS A 53 2.82 21.07 -18.44
C HIS A 53 2.36 21.85 -17.23
N VAL A 54 1.06 22.17 -17.16
CA VAL A 54 0.50 22.77 -15.96
C VAL A 54 -0.46 21.77 -15.38
N PHE A 55 -0.24 21.39 -14.13
CA PHE A 55 -1.03 20.36 -13.44
C PHE A 55 -2.28 20.95 -12.82
N HIS A 56 -3.41 20.31 -13.04
CA HIS A 56 -4.58 20.59 -12.21
C HIS A 56 -5.51 19.39 -12.21
N GLY A 57 -6.19 19.17 -11.10
CA GLY A 57 -7.14 18.07 -11.05
C GLY A 57 -6.78 17.05 -10.00
N LEU A 58 -5.48 16.85 -9.77
CA LEU A 58 -5.03 16.08 -8.63
C LEU A 58 -4.15 16.96 -7.73
N LEU A 59 -3.04 17.42 -8.28
CA LEU A 59 -2.13 18.32 -7.58
C LEU A 59 -2.09 19.60 -8.42
N PRO A 60 -2.06 20.78 -7.78
CA PRO A 60 -1.74 21.94 -8.59
C PRO A 60 -0.23 22.15 -8.73
N GLY A 61 0.20 22.67 -9.87
CA GLY A 61 1.61 22.93 -10.05
C GLY A 61 1.94 22.92 -11.52
N PHE A 62 3.22 22.72 -11.84
CA PHE A 62 3.66 22.70 -13.23
C PHE A 62 4.96 21.93 -13.39
N LEU A 63 5.26 21.51 -14.60
CA LEU A 63 6.50 20.83 -14.90
C LEU A 63 7.34 21.84 -15.68
N VAL A 64 8.59 22.03 -15.26
CA VAL A 64 9.47 23.04 -15.86
C VAL A 64 10.84 22.48 -16.19
N LYS A 65 11.31 22.79 -17.38
CA LYS A 65 12.65 22.46 -17.79
C LYS A 65 13.51 23.68 -17.59
N MET A 66 14.47 23.58 -16.67
CA MET A 66 15.30 24.72 -16.28
C MET A 66 16.54 24.19 -15.59
N SER A 67 17.54 25.06 -15.46
CA SER A 67 18.72 24.75 -14.66
C SER A 67 18.37 24.68 -13.19
N GLY A 68 19.00 23.76 -12.48
CA GLY A 68 18.81 23.67 -11.06
C GLY A 68 19.29 24.90 -10.31
N ASP A 69 20.14 25.71 -10.96
CA ASP A 69 20.55 27.00 -10.42
C ASP A 69 19.37 27.85 -9.92
N LEU A 70 18.23 27.73 -10.60
CA LEU A 70 17.04 28.53 -10.27
C LEU A 70 16.21 28.00 -9.10
N LEU A 71 16.66 26.93 -8.45
CA LEU A 71 15.80 26.34 -7.43
C LEU A 71 15.58 27.22 -6.20
N GLU A 72 16.63 27.91 -5.74
CA GLU A 72 16.43 28.83 -4.63
C GLU A 72 15.40 29.90 -5.00
N LEU A 73 15.50 30.41 -6.22
CA LEU A 73 14.51 31.38 -6.69
C LEU A 73 13.07 30.79 -6.72
N ALA A 74 12.93 29.61 -7.32
CA ALA A 74 11.65 28.94 -7.48
C ALA A 74 10.98 28.60 -6.13
N LEU A 75 11.78 28.18 -5.15
CA LEU A 75 11.23 27.87 -3.83
C LEU A 75 10.64 29.08 -3.15
N LYS A 76 11.01 30.27 -3.60
CA LYS A 76 10.47 31.48 -2.97
C LYS A 76 9.23 32.01 -3.68
N LEU A 77 8.80 31.35 -4.76
CA LEU A 77 7.59 31.81 -5.44
C LEU A 77 6.37 31.64 -4.56
N PRO A 78 5.34 32.48 -4.81
CA PRO A 78 4.10 32.31 -4.02
C PRO A 78 3.46 30.97 -4.32
N HIS A 79 2.76 30.43 -3.32
CA HIS A 79 1.99 29.20 -3.42
C HIS A 79 2.82 27.90 -3.46
N VAL A 80 4.15 27.98 -3.51
CA VAL A 80 4.96 26.74 -3.64
C VAL A 80 4.89 25.95 -2.35
N ASP A 81 4.56 24.65 -2.48
CA ASP A 81 4.63 23.69 -1.38
C ASP A 81 6.00 22.99 -1.37
N TYR A 82 6.37 22.36 -2.49
CA TYR A 82 7.70 21.76 -2.61
C TYR A 82 8.02 21.60 -4.09
N ILE A 83 9.30 21.32 -4.39
CA ILE A 83 9.72 21.10 -5.76
C ILE A 83 10.47 19.76 -5.79
N GLU A 84 10.16 18.91 -6.76
CA GLU A 84 10.89 17.64 -6.91
C GLU A 84 11.55 17.51 -8.27
N GLU A 85 12.83 17.12 -8.28
CA GLU A 85 13.53 16.88 -9.53
C GLU A 85 12.91 15.65 -10.17
N ASP A 86 12.73 15.63 -11.50
CA ASP A 86 12.12 14.48 -12.19
C ASP A 86 13.04 13.28 -12.06
N SER A 87 12.48 12.09 -12.20
CA SER A 87 13.29 10.87 -12.07
C SER A 87 12.65 9.72 -12.84
N SER A 88 13.34 8.58 -12.94
CA SER A 88 12.93 7.46 -13.78
C SER A 88 12.04 6.46 -13.06
N VAL A 89 11.11 5.87 -13.82
CA VAL A 89 10.33 4.73 -13.34
C VAL A 89 10.58 3.66 -14.39
N PHE A 90 10.34 2.40 -14.03
CA PHE A 90 10.71 1.25 -14.85
C PHE A 90 9.66 0.18 -14.83
N ALA A 91 9.45 -0.48 -15.96
CA ALA A 91 8.54 -1.61 -15.99
C ALA A 91 8.95 -2.63 -14.93
N GLN A 92 7.99 -3.08 -14.14
CA GLN A 92 8.19 -4.08 -13.09
C GLN A 92 7.52 -5.42 -13.43
N SER B 1 -4.22 -28.18 -17.67
CA SER B 1 -4.25 -27.16 -18.70
C SER B 1 -4.46 -25.76 -18.10
N ILE B 2 -5.25 -25.64 -17.03
CA ILE B 2 -5.40 -24.34 -16.35
C ILE B 2 -4.02 -23.87 -15.90
N PRO B 3 -3.61 -22.66 -16.30
CA PRO B 3 -2.36 -22.08 -15.77
C PRO B 3 -2.29 -22.12 -14.24
N TRP B 4 -1.12 -22.43 -13.68
CA TRP B 4 -0.99 -22.64 -12.24
C TRP B 4 -1.51 -21.44 -11.43
N ASN B 5 -1.26 -20.24 -11.94
CA ASN B 5 -1.60 -18.99 -11.28
C ASN B 5 -3.11 -18.73 -11.19
N LEU B 6 -3.82 -19.14 -12.25
CA LEU B 6 -5.26 -18.98 -12.23
C LEU B 6 -5.93 -20.00 -11.33
N GLU B 7 -5.34 -21.20 -11.23
CA GLU B 7 -5.79 -22.16 -10.22
C GLU B 7 -5.48 -21.68 -8.79
N ARG B 8 -4.33 -21.04 -8.61
CA ARG B 8 -3.87 -20.63 -7.28
C ARG B 8 -4.84 -19.60 -6.66
N ILE B 9 -5.40 -18.73 -7.49
CA ILE B 9 -6.28 -17.68 -7.01
C ILE B 9 -7.73 -18.16 -6.95
N THR B 10 -7.96 -19.40 -7.35
CA THR B 10 -9.30 -19.97 -7.27
C THR B 10 -9.57 -20.44 -5.85
N PRO B 11 -10.66 -19.98 -5.25
CA PRO B 11 -10.93 -20.29 -3.84
C PRO B 11 -11.37 -21.76 -3.68
N PRO B 12 -11.41 -22.26 -2.43
CA PRO B 12 -11.71 -23.67 -2.16
C PRO B 12 -13.16 -24.05 -2.48
N ARG B 13 -14.01 -23.05 -2.72
CA ARG B 13 -15.38 -23.28 -3.14
C ARG B 13 -15.70 -22.20 -4.17
N TYR B 14 -16.15 -22.61 -5.35
CA TYR B 14 -16.40 -21.60 -6.38
C TYR B 14 -17.44 -22.03 -7.42
N ARG B 15 -17.92 -21.04 -8.18
CA ARG B 15 -19.08 -21.19 -9.02
C ARG B 15 -18.76 -20.91 -10.48
N GLY B 24 -15.47 -11.66 -16.04
CA GLY B 24 -16.10 -10.84 -15.02
C GLY B 24 -15.57 -9.43 -15.08
N GLY B 25 -16.00 -8.56 -14.16
CA GLY B 25 -15.47 -7.20 -14.15
C GLY B 25 -16.05 -6.12 -15.07
N SER B 26 -17.26 -6.30 -15.62
CA SER B 26 -17.71 -5.52 -16.80
C SER B 26 -18.27 -4.12 -16.50
N LEU B 27 -18.86 -3.98 -15.34
CA LEU B 27 -19.29 -2.71 -14.78
C LEU B 27 -18.05 -1.86 -14.39
N VAL B 28 -16.90 -2.51 -14.28
CA VAL B 28 -15.66 -1.83 -13.84
C VAL B 28 -14.77 -1.56 -15.06
N GLU B 29 -14.00 -0.48 -15.02
CA GLU B 29 -13.01 -0.24 -16.05
C GLU B 29 -11.61 -0.27 -15.40
N VAL B 30 -10.66 -0.92 -16.06
CA VAL B 30 -9.27 -1.01 -15.58
C VAL B 30 -8.37 -0.18 -16.47
N TYR B 31 -7.74 0.85 -15.91
CA TYR B 31 -6.73 1.58 -16.65
C TYR B 31 -5.36 0.96 -16.46
N LEU B 32 -4.59 0.90 -17.55
CA LEU B 32 -3.23 0.36 -17.53
C LEU B 32 -2.26 1.45 -17.95
N LEU B 33 -1.26 1.74 -17.12
CA LEU B 33 -0.20 2.67 -17.50
C LEU B 33 1.08 1.92 -17.78
N ASP B 34 1.54 1.85 -19.03
CA ASP B 34 2.56 0.86 -19.37
C ASP B 34 3.28 1.19 -20.66
N THR B 35 3.89 0.18 -21.30
CA THR B 35 4.48 0.34 -22.62
C THR B 35 3.31 0.40 -23.58
N SER B 36 3.60 0.58 -24.86
CA SER B 36 2.54 0.46 -25.84
C SER B 36 2.07 -1.00 -25.83
N ILE B 37 0.89 -1.25 -26.36
CA ILE B 37 0.39 -2.62 -26.34
C ILE B 37 -0.02 -3.05 -27.77
N GLN B 38 0.03 -4.35 -28.05
CA GLN B 38 -0.50 -4.88 -29.32
C GLN B 38 -1.98 -5.15 -29.10
N SER B 39 -2.82 -4.15 -29.35
CA SER B 39 -4.24 -4.21 -29.00
C SER B 39 -5.08 -5.16 -29.88
N ASP B 40 -4.52 -5.60 -30.99
CA ASP B 40 -5.20 -6.56 -31.88
C ASP B 40 -4.87 -8.01 -31.55
N HIS B 41 -4.03 -8.24 -30.56
CA HIS B 41 -3.77 -9.59 -30.10
C HIS B 41 -5.09 -10.25 -29.71
N ARG B 42 -5.24 -11.55 -29.97
CA ARG B 42 -6.55 -12.19 -29.81
C ARG B 42 -6.96 -12.40 -28.35
N GLU B 43 -6.00 -12.37 -27.43
CA GLU B 43 -6.38 -12.41 -26.02
C GLU B 43 -7.18 -11.20 -25.64
N ILE B 44 -6.88 -10.08 -26.28
CA ILE B 44 -7.40 -8.80 -25.81
C ILE B 44 -8.11 -7.90 -26.82
N GLU B 45 -7.92 -8.16 -28.10
CA GLU B 45 -8.69 -7.51 -29.18
C GLU B 45 -10.12 -7.20 -28.77
N GLY B 46 -10.52 -5.93 -28.90
CA GLY B 46 -11.88 -5.55 -28.58
C GLY B 46 -12.11 -5.39 -27.08
N ARG B 47 -11.10 -5.69 -26.28
CA ARG B 47 -11.29 -5.55 -24.84
C ARG B 47 -10.45 -4.41 -24.25
N VAL B 48 -9.34 -4.12 -24.91
CA VAL B 48 -8.52 -2.99 -24.54
C VAL B 48 -8.71 -1.80 -25.49
N MET B 49 -9.03 -0.64 -24.94
CA MET B 49 -9.02 0.58 -25.74
C MET B 49 -7.73 1.33 -25.54
N VAL B 50 -7.01 1.56 -26.62
CA VAL B 50 -5.79 2.37 -26.56
C VAL B 50 -6.14 3.85 -26.57
N THR B 51 -5.75 4.60 -25.52
CA THR B 51 -6.18 5.99 -25.43
C THR B 51 -5.35 6.83 -26.39
N ASP B 52 -4.16 6.33 -26.72
CA ASP B 52 -3.09 7.09 -27.39
C ASP B 52 -2.58 8.29 -26.58
N PHE B 53 -2.90 8.32 -25.29
CA PHE B 53 -2.11 9.14 -24.39
C PHE B 53 -0.71 8.59 -24.39
N GLU B 54 0.27 9.46 -24.53
CA GLU B 54 1.67 9.05 -24.50
C GLU B 54 2.51 10.14 -23.86
N ASN B 55 3.31 9.76 -22.85
CA ASN B 55 4.33 10.64 -22.27
C ASN B 55 5.50 9.79 -21.84
N VAL B 56 6.52 9.71 -22.67
CA VAL B 56 7.64 8.79 -22.46
C VAL B 56 8.95 9.52 -22.77
N PRO B 57 10.05 9.16 -22.07
CA PRO B 57 11.34 9.78 -22.39
C PRO B 57 11.93 9.16 -23.67
N GLU B 58 12.86 9.84 -24.34
CA GLU B 58 13.47 9.30 -25.54
C GLU B 58 14.35 8.10 -25.21
N GLU B 59 14.50 7.18 -26.16
CA GLU B 59 15.35 6.01 -25.95
C GLU B 59 16.81 6.42 -25.76
N ASP B 60 17.58 5.55 -25.10
CA ASP B 60 18.95 5.84 -24.71
C ASP B 60 19.69 4.59 -24.22
N ALA B 68 10.54 -3.72 -32.06
CA ALA B 68 9.14 -3.32 -32.18
C ALA B 68 8.23 -4.26 -31.38
N SER B 69 8.47 -5.56 -31.58
CA SER B 69 7.98 -6.69 -30.76
C SER B 69 8.30 -6.46 -29.27
N LYS B 70 9.52 -5.98 -29.07
CA LYS B 70 10.08 -5.65 -27.78
C LYS B 70 9.38 -4.40 -27.21
N CYS B 71 9.11 -3.39 -28.03
CA CYS B 71 8.42 -2.20 -27.53
C CYS B 71 7.10 -2.52 -26.78
N ASP B 72 6.29 -3.46 -27.26
CA ASP B 72 4.99 -3.70 -26.61
C ASP B 72 4.81 -5.00 -25.83
N SER B 73 5.91 -5.67 -25.52
CA SER B 73 5.88 -6.96 -24.83
C SER B 73 5.28 -6.86 -23.41
N HIS B 74 5.81 -5.92 -22.63
CA HIS B 74 5.45 -5.81 -21.20
C HIS B 74 3.98 -5.48 -21.06
N GLY B 75 3.53 -4.41 -21.72
CA GLY B 75 2.14 -3.97 -21.65
C GLY B 75 1.15 -5.00 -22.17
N THR B 76 1.49 -5.62 -23.31
CA THR B 76 0.61 -6.62 -23.90
C THR B 76 0.40 -7.80 -22.95
N HIS B 77 1.48 -8.26 -22.34
CA HIS B 77 1.39 -9.40 -21.42
C HIS B 77 0.47 -9.06 -20.25
N LEU B 78 0.63 -7.86 -19.69
CA LEU B 78 -0.13 -7.48 -18.48
C LEU B 78 -1.60 -7.22 -18.81
N ALA B 79 -1.90 -6.62 -19.96
CA ALA B 79 -3.30 -6.51 -20.41
C ALA B 79 -3.94 -7.90 -20.51
N GLY B 80 -3.17 -8.87 -20.94
CA GLY B 80 -3.61 -10.25 -21.02
C GLY B 80 -3.78 -10.92 -19.66
N VAL B 81 -2.88 -10.67 -18.72
CA VAL B 81 -3.10 -11.17 -17.35
C VAL B 81 -4.41 -10.65 -16.74
N VAL B 82 -4.69 -9.37 -16.96
CA VAL B 82 -5.88 -8.78 -16.38
C VAL B 82 -7.16 -9.29 -17.06
N SER B 83 -7.16 -9.24 -18.39
CA SER B 83 -8.42 -9.39 -19.13
C SER B 83 -8.46 -10.41 -20.27
N GLY B 84 -7.37 -11.15 -20.46
CA GLY B 84 -7.22 -12.05 -21.61
C GLY B 84 -8.30 -13.13 -21.70
N ARG B 85 -8.83 -13.36 -22.89
CA ARG B 85 -9.97 -14.28 -22.99
C ARG B 85 -9.62 -15.72 -22.59
N ASP B 86 -8.38 -16.18 -22.83
CA ASP B 86 -8.03 -17.54 -22.42
C ASP B 86 -7.31 -17.61 -21.06
N ALA B 87 -6.38 -16.67 -20.83
CA ALA B 87 -5.49 -16.75 -19.67
C ALA B 87 -5.61 -15.56 -18.71
N GLY B 88 -6.68 -14.80 -18.84
CA GLY B 88 -6.84 -13.62 -17.99
C GLY B 88 -7.52 -13.96 -16.69
N VAL B 89 -7.42 -13.03 -15.74
CA VAL B 89 -8.05 -13.16 -14.43
C VAL B 89 -9.49 -12.73 -14.47
N ALA B 90 -9.73 -11.57 -15.09
CA ALA B 90 -11.07 -10.98 -15.17
C ALA B 90 -11.46 -11.01 -16.66
N LYS B 91 -11.74 -12.21 -17.19
CA LYS B 91 -11.84 -12.43 -18.64
C LYS B 91 -12.74 -11.42 -19.35
N GLY B 92 -13.85 -11.06 -18.72
CA GLY B 92 -14.65 -9.97 -19.23
C GLY B 92 -13.90 -8.66 -19.48
N ALA B 93 -13.23 -8.16 -18.44
CA ALA B 93 -13.00 -6.72 -18.21
C ALA B 93 -12.63 -5.79 -19.38
N SER B 94 -13.18 -4.57 -19.34
CA SER B 94 -12.80 -3.50 -20.27
C SER B 94 -11.53 -2.85 -19.75
N MET B 95 -10.59 -2.55 -20.64
CA MET B 95 -9.38 -1.86 -20.24
C MET B 95 -9.16 -0.64 -21.10
N ARG B 96 -8.46 0.35 -20.54
CA ARG B 96 -7.98 1.49 -21.31
C ARG B 96 -6.49 1.65 -21.02
N SER B 97 -5.67 1.88 -22.05
CA SER B 97 -4.22 1.91 -21.86
C SER B 97 -3.66 3.28 -22.15
N LEU B 98 -2.72 3.69 -21.32
CA LEU B 98 -1.94 4.93 -21.48
C LEU B 98 -0.50 4.52 -21.64
N ARG B 99 0.23 5.21 -22.50
CA ARG B 99 1.63 4.84 -22.70
C ARG B 99 2.53 5.77 -21.88
N VAL B 100 3.12 5.23 -20.81
CA VAL B 100 4.08 5.99 -20.03
C VAL B 100 5.44 5.34 -19.93
N LEU B 101 5.61 4.20 -20.60
CA LEU B 101 6.90 3.54 -20.64
C LEU B 101 7.32 3.43 -22.11
N ASN B 102 8.55 3.81 -22.40
CA ASN B 102 9.14 3.71 -23.74
C ASN B 102 9.55 2.28 -24.13
N CYS B 103 10.16 2.14 -25.31
CA CYS B 103 10.52 0.83 -25.84
C CYS B 103 11.53 0.10 -24.97
N GLN B 104 12.21 0.84 -24.10
CA GLN B 104 13.14 0.21 -23.20
C GLN B 104 12.48 -0.05 -21.83
N GLY B 105 11.18 0.18 -21.73
CA GLY B 105 10.48 0.00 -20.45
C GLY B 105 10.77 1.10 -19.43
N LYS B 106 11.17 2.27 -19.93
CA LYS B 106 11.51 3.40 -19.07
C LYS B 106 10.56 4.57 -19.18
N GLY B 107 10.19 5.14 -18.03
CA GLY B 107 9.30 6.28 -17.98
C GLY B 107 9.86 7.33 -17.03
N THR B 108 9.06 8.34 -16.76
CA THR B 108 9.40 9.38 -15.82
C THR B 108 8.32 9.53 -14.77
N VAL B 109 8.71 10.08 -13.63
CA VAL B 109 7.73 10.43 -12.62
C VAL B 109 6.73 11.46 -13.19
N SER B 110 7.25 12.47 -13.88
CA SER B 110 6.40 13.49 -14.48
C SER B 110 5.42 12.88 -15.46
N GLY B 111 5.90 11.98 -16.32
CA GLY B 111 5.00 11.32 -17.26
C GLY B 111 3.90 10.51 -16.58
N THR B 112 4.25 9.84 -15.48
CA THR B 112 3.27 9.03 -14.75
C THR B 112 2.23 9.96 -14.14
N LEU B 113 2.68 11.08 -13.55
CA LEU B 113 1.73 12.11 -13.03
C LEU B 113 0.75 12.62 -14.06
N ILE B 114 1.27 12.94 -15.24
CA ILE B 114 0.42 13.44 -16.33
C ILE B 114 -0.60 12.37 -16.74
N GLY B 115 -0.15 11.12 -16.73
CA GLY B 115 -1.05 10.00 -17.01
C GLY B 115 -2.16 9.87 -15.97
N LEU B 116 -1.78 9.90 -14.68
CA LEU B 116 -2.78 9.82 -13.63
C LEU B 116 -3.76 10.96 -13.73
N GLU B 117 -3.25 12.15 -14.03
CA GLU B 117 -4.10 13.32 -14.19
C GLU B 117 -5.08 13.14 -15.38
N PHE B 118 -4.59 12.56 -16.46
CA PHE B 118 -5.41 12.27 -17.65
C PHE B 118 -6.58 11.34 -17.31
N ILE B 119 -6.32 10.32 -16.51
CA ILE B 119 -7.39 9.41 -16.05
C ILE B 119 -8.47 10.15 -15.26
N ARG B 120 -8.05 11.00 -14.34
CA ARG B 120 -8.99 11.74 -13.52
C ARG B 120 -9.83 12.70 -14.37
N LYS B 121 -9.17 13.37 -15.31
CA LYS B 121 -9.90 14.26 -16.23
C LYS B 121 -10.91 13.54 -17.10
N SER B 122 -10.52 12.38 -17.61
CA SER B 122 -11.41 11.52 -18.39
C SER B 122 -12.65 11.16 -17.60
N GLN B 123 -12.45 10.81 -16.33
CA GLN B 123 -13.55 10.42 -15.47
C GLN B 123 -14.55 11.57 -15.24
N LEU B 124 -14.01 12.76 -15.01
CA LEU B 124 -14.83 13.96 -14.76
C LEU B 124 -15.68 14.32 -15.98
N VAL B 125 -15.13 14.09 -17.17
CA VAL B 125 -15.80 14.45 -18.43
C VAL B 125 -16.84 13.40 -18.82
N GLN B 126 -16.55 12.14 -18.53
CA GLN B 126 -17.51 11.10 -18.87
C GLN B 126 -17.55 10.00 -17.79
N PRO B 127 -18.28 10.25 -16.70
CA PRO B 127 -18.30 9.33 -15.54
C PRO B 127 -18.87 7.96 -15.93
N VAL B 128 -18.24 6.90 -15.44
CA VAL B 128 -18.65 5.52 -15.63
C VAL B 128 -18.76 4.89 -14.25
N GLY B 129 -18.47 3.60 -14.10
CA GLY B 129 -18.58 3.03 -12.78
C GLY B 129 -17.23 3.07 -12.05
N PRO B 130 -17.01 2.10 -11.16
CA PRO B 130 -15.75 1.96 -10.40
C PRO B 130 -14.57 1.91 -11.35
N LEU B 131 -13.45 2.53 -10.99
CA LEU B 131 -12.23 2.49 -11.79
C LEU B 131 -11.10 1.84 -11.01
N VAL B 132 -10.36 0.95 -11.67
CA VAL B 132 -9.13 0.37 -11.12
C VAL B 132 -7.97 0.80 -12.00
N VAL B 133 -6.90 1.28 -11.39
CA VAL B 133 -5.74 1.73 -12.12
C VAL B 133 -4.58 0.84 -11.74
N LEU B 134 -3.99 0.19 -12.73
CA LEU B 134 -2.83 -0.68 -12.54
C LEU B 134 -1.59 0.09 -12.91
N LEU B 135 -0.65 0.14 -11.97
CA LEU B 135 0.60 0.83 -12.14
C LEU B 135 1.73 -0.21 -12.04
N PRO B 136 2.06 -0.87 -13.16
CA PRO B 136 3.05 -1.95 -13.20
C PRO B 136 4.46 -1.43 -13.35
N LEU B 137 4.84 -0.52 -12.47
CA LEU B 137 6.07 0.25 -12.61
C LEU B 137 6.56 0.75 -11.24
N ALA B 138 7.83 1.12 -11.17
CA ALA B 138 8.42 1.62 -9.94
C ALA B 138 9.63 2.49 -10.21
N GLY B 139 9.83 3.48 -9.35
CA GLY B 139 11.07 4.24 -9.29
C GLY B 139 11.40 4.33 -7.81
N GLY B 140 12.37 5.15 -7.44
CA GLY B 140 12.62 5.34 -6.03
C GLY B 140 11.50 6.10 -5.33
N TYR B 141 11.58 6.22 -4.01
CA TYR B 141 10.56 6.94 -3.26
C TYR B 141 10.40 8.32 -3.85
N SER B 142 9.15 8.68 -4.15
CA SER B 142 8.85 9.99 -4.70
C SER B 142 7.74 10.68 -3.93
N ARG B 143 8.03 11.83 -3.34
CA ARG B 143 6.99 12.55 -2.59
C ARG B 143 5.85 12.90 -3.56
N VAL B 144 6.16 13.46 -4.73
CA VAL B 144 5.08 13.95 -5.60
C VAL B 144 4.26 12.78 -6.17
N LEU B 145 4.92 11.67 -6.53
CA LEU B 145 4.15 10.55 -7.08
C LEU B 145 3.24 9.96 -6.00
N ASN B 146 3.75 9.77 -4.79
CA ASN B 146 2.90 9.29 -3.69
C ASN B 146 1.72 10.22 -3.42
N ALA B 147 1.94 11.53 -3.50
CA ALA B 147 0.85 12.48 -3.21
C ALA B 147 -0.21 12.41 -4.28
N ALA B 148 0.21 12.24 -5.53
CA ALA B 148 -0.75 12.19 -6.63
C ALA B 148 -1.59 10.93 -6.53
N CYS B 149 -0.95 9.81 -6.22
CA CYS B 149 -1.64 8.54 -5.97
C CYS B 149 -2.65 8.65 -4.84
N GLN B 150 -2.19 9.24 -3.74
CA GLN B 150 -3.07 9.44 -2.59
C GLN B 150 -4.30 10.27 -2.96
N ARG B 151 -4.05 11.34 -3.70
CA ARG B 151 -5.12 12.26 -4.09
C ARG B 151 -6.11 11.53 -5.00
N LEU B 152 -5.60 10.67 -5.89
CA LEU B 152 -6.47 9.96 -6.83
C LEU B 152 -7.26 8.87 -6.08
N ALA B 153 -6.64 8.24 -5.09
CA ALA B 153 -7.34 7.28 -4.25
C ALA B 153 -8.46 8.00 -3.46
N ARG B 154 -8.16 9.17 -2.91
CA ARG B 154 -9.17 9.90 -2.12
C ARG B 154 -10.33 10.39 -2.97
N ALA B 155 -10.09 10.56 -4.25
CA ALA B 155 -11.10 10.94 -5.21
C ALA B 155 -12.01 9.77 -5.57
N GLY B 156 -11.72 8.60 -5.00
CA GLY B 156 -12.51 7.38 -5.15
C GLY B 156 -12.08 6.39 -6.22
N VAL B 157 -10.82 6.47 -6.65
CA VAL B 157 -10.31 5.55 -7.66
C VAL B 157 -9.40 4.50 -6.96
N VAL B 158 -9.49 3.24 -7.36
CA VAL B 158 -8.65 2.19 -6.74
C VAL B 158 -7.33 2.05 -7.52
N LEU B 159 -6.22 2.09 -6.78
CA LEU B 159 -4.91 1.96 -7.39
C LEU B 159 -4.22 0.69 -6.94
N VAL B 160 -3.65 -0.06 -7.89
CA VAL B 160 -2.94 -1.28 -7.59
C VAL B 160 -1.55 -1.12 -8.16
N THR B 161 -0.50 -1.37 -7.39
CA THR B 161 0.82 -1.19 -7.94
C THR B 161 1.74 -2.36 -7.65
N ALA B 162 2.82 -2.43 -8.42
CA ALA B 162 3.84 -3.43 -8.19
C ALA B 162 4.65 -3.11 -6.95
N ALA B 163 4.95 -4.10 -6.12
CA ALA B 163 5.87 -3.89 -4.96
C ALA B 163 7.27 -3.44 -5.39
N GLY B 164 7.70 -3.87 -6.58
CA GLY B 164 9.08 -3.65 -7.01
C GLY B 164 9.86 -4.95 -7.03
N ASN B 165 10.86 -5.03 -7.92
CA ASN B 165 11.59 -6.27 -8.15
C ASN B 165 13.03 -6.35 -7.65
N PHE B 166 13.32 -5.66 -6.56
CA PHE B 166 14.71 -5.46 -6.12
C PHE B 166 15.07 -6.21 -4.87
N ARG B 167 14.22 -7.14 -4.45
CA ARG B 167 14.48 -7.80 -3.16
C ARG B 167 14.88 -6.87 -2.04
N ASP B 168 14.02 -5.86 -1.86
CA ASP B 168 14.29 -4.72 -0.99
C ASP B 168 12.99 -4.29 -0.35
N ASP B 169 13.07 -3.34 0.56
CA ASP B 169 11.92 -2.85 1.29
C ASP B 169 11.08 -2.01 0.32
N ALA B 170 9.84 -2.39 0.08
CA ALA B 170 9.00 -1.66 -0.86
C ALA B 170 8.77 -0.19 -0.43
N CYS B 171 8.93 0.12 0.86
CA CYS B 171 8.75 1.52 1.29
C CYS B 171 9.76 2.50 0.71
N LEU B 172 10.81 1.98 0.10
CA LEU B 172 11.84 2.80 -0.52
C LEU B 172 11.54 3.10 -1.99
N TYR B 173 10.35 2.71 -2.46
CA TYR B 173 9.99 2.80 -3.89
C TYR B 173 8.63 3.44 -4.02
N SER B 174 8.37 4.06 -5.17
CA SER B 174 7.06 4.59 -5.51
C SER B 174 6.62 4.12 -6.89
N PRO B 175 5.30 3.97 -7.12
CA PRO B 175 4.21 4.20 -6.17
C PRO B 175 4.03 3.14 -5.08
N ALA B 176 4.86 2.09 -5.01
CA ALA B 176 4.70 1.04 -4.00
C ALA B 176 4.40 1.57 -2.58
N SER B 177 5.19 2.57 -2.17
CA SER B 177 5.16 3.16 -0.81
C SER B 177 4.00 4.11 -0.52
N ALA B 178 3.24 4.42 -1.56
CA ALA B 178 2.13 5.39 -1.55
C ALA B 178 0.90 5.05 -0.80
N PRO B 179 0.53 5.93 0.13
CA PRO B 179 -0.57 5.65 1.04
C PRO B 179 -1.87 5.46 0.27
N GLU B 180 -2.69 4.47 0.64
CA GLU B 180 -3.99 4.18 0.01
C GLU B 180 -3.95 3.38 -1.30
N VAL B 181 -2.76 3.08 -1.80
CA VAL B 181 -2.60 2.27 -3.03
C VAL B 181 -2.38 0.81 -2.58
N ILE B 182 -3.00 -0.15 -3.27
CA ILE B 182 -2.80 -1.57 -2.97
C ILE B 182 -1.48 -2.08 -3.59
N THR B 183 -0.52 -2.42 -2.74
CA THR B 183 0.81 -2.80 -3.23
C THR B 183 1.05 -4.31 -3.20
N VAL B 184 1.51 -4.87 -4.32
CA VAL B 184 1.45 -6.32 -4.51
C VAL B 184 2.82 -6.95 -4.77
N GLY B 185 3.23 -7.90 -3.92
CA GLY B 185 4.48 -8.63 -4.12
C GLY B 185 4.23 -9.89 -4.93
N ALA B 186 5.29 -10.60 -5.29
CA ALA B 186 5.15 -11.75 -6.22
C ALA B 186 5.57 -13.04 -5.53
N THR B 187 4.75 -14.08 -5.64
CA THR B 187 5.10 -15.43 -5.18
C THR B 187 5.09 -16.39 -6.35
N ASN B 188 5.78 -17.51 -6.19
CA ASN B 188 5.89 -18.52 -7.25
C ASN B 188 4.94 -19.69 -7.03
N ALA B 189 5.02 -20.71 -7.88
CA ALA B 189 4.14 -21.87 -7.80
C ALA B 189 4.23 -22.62 -6.47
N GLN B 190 5.33 -22.46 -5.75
CA GLN B 190 5.46 -23.07 -4.41
C GLN B 190 5.06 -22.08 -3.31
N ASP B 191 4.36 -21.02 -3.71
CA ASP B 191 3.94 -19.95 -2.81
C ASP B 191 5.12 -19.30 -2.09
N GLN B 192 6.31 -19.35 -2.69
CA GLN B 192 7.43 -18.67 -2.05
C GLN B 192 7.72 -17.36 -2.76
N PRO B 193 8.29 -16.40 -2.04
CA PRO B 193 8.61 -15.10 -2.63
C PRO B 193 9.57 -15.26 -3.78
N VAL B 194 9.41 -14.52 -4.88
CA VAL B 194 10.23 -14.77 -6.06
C VAL B 194 11.58 -14.19 -5.71
N THR B 195 12.62 -15.01 -5.91
CA THR B 195 14.00 -14.54 -5.85
C THR B 195 14.81 -14.96 -7.07
N LEU B 196 15.77 -14.12 -7.45
CA LEU B 196 16.67 -14.35 -8.56
C LEU B 196 17.94 -13.59 -8.21
N GLY B 197 18.75 -14.17 -7.33
CA GLY B 197 20.02 -13.58 -6.92
C GLY B 197 19.81 -12.42 -5.99
N THR B 198 20.38 -11.28 -6.34
CA THR B 198 20.18 -10.05 -5.59
C THR B 198 18.82 -9.44 -5.96
N LEU B 199 18.12 -10.07 -6.90
CA LEU B 199 16.83 -9.59 -7.38
C LEU B 199 15.69 -10.50 -6.92
N GLY B 200 14.46 -9.99 -6.95
CA GLY B 200 13.30 -10.71 -6.43
C GLY B 200 12.19 -9.80 -5.94
N THR B 201 11.09 -10.37 -5.44
CA THR B 201 10.00 -9.53 -4.94
C THR B 201 10.46 -8.60 -3.81
N ASN B 202 10.03 -7.34 -3.83
CA ASN B 202 10.18 -6.51 -2.63
C ASN B 202 9.27 -7.01 -1.51
N PHE B 203 9.45 -6.48 -0.31
CA PHE B 203 8.74 -6.96 0.88
C PHE B 203 8.60 -5.83 1.90
N GLY B 204 8.16 -6.17 3.11
CA GLY B 204 8.07 -5.17 4.15
C GLY B 204 6.66 -4.63 4.30
N ARG B 205 6.51 -3.60 5.13
CA ARG B 205 5.19 -3.17 5.59
C ARG B 205 4.37 -2.37 4.58
N CYS B 206 5.00 -1.88 3.53
CA CYS B 206 4.28 -1.24 2.44
C CYS B 206 3.66 -2.21 1.43
N VAL B 207 3.94 -3.51 1.56
CA VAL B 207 3.30 -4.51 0.69
C VAL B 207 1.99 -4.96 1.31
N ASP B 208 0.89 -4.94 0.56
CA ASP B 208 -0.38 -5.35 1.16
C ASP B 208 -0.57 -6.86 1.12
N LEU B 209 -0.19 -7.49 0.02
CA LEU B 209 -0.33 -8.92 -0.13
C LEU B 209 0.53 -9.36 -1.29
N PHE B 210 0.66 -10.68 -1.45
CA PHE B 210 1.36 -11.25 -2.60
C PHE B 210 0.37 -11.88 -3.55
N ALA B 211 0.80 -12.13 -4.78
CA ALA B 211 -0.01 -12.82 -5.77
C ALA B 211 0.92 -13.51 -6.74
N PRO B 212 0.42 -14.50 -7.50
CA PRO B 212 1.29 -15.18 -8.46
C PRO B 212 2.06 -14.23 -9.39
N GLY B 213 3.38 -14.29 -9.43
CA GLY B 213 4.15 -13.39 -10.28
C GLY B 213 5.45 -14.00 -10.81
N GLU B 214 5.46 -15.33 -10.90
CA GLU B 214 6.53 -16.07 -11.58
C GLU B 214 5.94 -17.05 -12.57
N ASP B 215 6.50 -17.13 -13.77
CA ASP B 215 6.08 -18.12 -14.76
C ASP B 215 4.58 -17.96 -15.07
N ILE B 216 4.19 -16.73 -15.39
CA ILE B 216 2.79 -16.38 -15.59
C ILE B 216 2.51 -16.34 -17.09
N ILE B 217 1.66 -17.24 -17.59
CA ILE B 217 1.43 -17.26 -19.03
C ILE B 217 0.46 -16.15 -19.42
N GLY B 218 0.79 -15.47 -20.52
CA GLY B 218 -0.09 -14.45 -21.07
C GLY B 218 0.25 -14.04 -22.49
N ALA B 219 -0.56 -13.15 -23.06
CA ALA B 219 -0.36 -12.67 -24.44
C ALA B 219 1.07 -12.26 -24.74
N SER B 220 1.59 -12.75 -25.88
CA SER B 220 2.92 -12.35 -26.34
C SER B 220 2.78 -11.48 -27.58
N SER B 221 3.42 -10.31 -27.56
CA SER B 221 3.35 -9.44 -28.74
C SER B 221 4.25 -9.93 -29.89
N ASP B 222 4.89 -11.09 -29.73
CA ASP B 222 5.63 -11.69 -30.85
C ASP B 222 4.65 -11.96 -32.00
N CYS B 223 3.45 -12.46 -31.72
CA CYS B 223 2.49 -12.71 -32.79
C CYS B 223 1.08 -12.67 -32.20
N SER B 224 0.08 -12.43 -33.03
CA SER B 224 -1.26 -12.09 -32.54
C SER B 224 -1.96 -13.22 -31.82
N THR B 225 -1.39 -14.43 -31.87
CA THR B 225 -1.98 -15.54 -31.15
C THR B 225 -0.94 -16.20 -30.25
N CYS B 226 0.22 -15.59 -30.11
CA CYS B 226 1.28 -16.21 -29.32
C CYS B 226 1.15 -15.93 -27.82
N PHE B 227 1.77 -16.80 -27.01
CA PHE B 227 1.77 -16.66 -25.55
C PHE B 227 3.19 -16.81 -25.05
N VAL B 228 3.49 -16.20 -23.91
CA VAL B 228 4.83 -16.26 -23.32
C VAL B 228 4.67 -16.25 -21.79
N SER B 229 5.52 -16.96 -21.05
CA SER B 229 5.51 -16.83 -19.60
C SER B 229 6.46 -15.72 -19.18
N GLN B 230 5.99 -14.84 -18.30
CA GLN B 230 6.78 -13.73 -17.77
C GLN B 230 6.63 -13.69 -16.26
N SER B 231 7.58 -13.04 -15.61
CA SER B 231 7.66 -12.92 -14.15
C SER B 231 7.85 -11.48 -13.72
N GLY B 232 7.29 -11.10 -12.56
CA GLY B 232 7.50 -9.77 -12.00
C GLY B 232 6.42 -9.35 -11.01
N THR B 233 6.69 -8.33 -10.21
CA THR B 233 5.64 -7.91 -9.31
C THR B 233 4.49 -7.21 -10.07
N SER B 234 4.74 -6.69 -11.27
CA SER B 234 3.62 -6.23 -12.12
C SER B 234 2.66 -7.37 -12.46
N GLN B 235 3.18 -8.55 -12.80
CA GLN B 235 2.27 -9.68 -13.11
C GLN B 235 1.46 -9.99 -11.85
N ALA B 236 2.11 -10.00 -10.69
CA ALA B 236 1.39 -10.18 -9.44
C ALA B 236 0.31 -9.11 -9.25
N ALA B 237 0.68 -7.85 -9.47
CA ALA B 237 -0.26 -6.73 -9.31
C ALA B 237 -1.44 -6.87 -10.28
N ALA B 238 -1.16 -7.39 -11.48
CA ALA B 238 -2.22 -7.59 -12.48
C ALA B 238 -3.26 -8.60 -12.00
N HIS B 239 -2.83 -9.65 -11.29
CA HIS B 239 -3.79 -10.60 -10.69
C HIS B 239 -4.72 -9.87 -9.71
N VAL B 240 -4.15 -8.98 -8.89
CA VAL B 240 -4.95 -8.30 -7.87
C VAL B 240 -5.85 -7.27 -8.53
N ALA B 241 -5.35 -6.59 -9.57
CA ALA B 241 -6.20 -5.70 -10.35
C ALA B 241 -7.41 -6.44 -10.94
N GLY B 242 -7.17 -7.60 -11.53
CA GLY B 242 -8.22 -8.49 -11.99
C GLY B 242 -9.20 -8.93 -10.91
N ILE B 243 -8.67 -9.38 -9.77
CA ILE B 243 -9.51 -9.77 -8.65
C ILE B 243 -10.35 -8.60 -8.12
N ALA B 244 -9.74 -7.42 -8.04
CA ALA B 244 -10.43 -6.22 -7.56
C ALA B 244 -11.58 -5.85 -8.51
N ALA B 245 -11.33 -5.92 -9.81
CA ALA B 245 -12.36 -5.57 -10.82
C ALA B 245 -13.60 -6.47 -10.68
N MET B 246 -13.34 -7.75 -10.40
CA MET B 246 -14.37 -8.77 -10.18
C MET B 246 -15.10 -8.46 -8.87
N MET B 247 -14.35 -8.11 -7.84
CA MET B 247 -14.98 -7.82 -6.55
C MET B 247 -15.86 -6.57 -6.64
N LEU B 248 -15.41 -5.58 -7.39
CA LEU B 248 -16.16 -4.33 -7.52
C LEU B 248 -17.35 -4.49 -8.47
N SER B 249 -17.29 -5.44 -9.41
CA SER B 249 -18.48 -5.73 -10.21
C SER B 249 -19.62 -6.35 -9.42
N ALA B 250 -19.25 -7.19 -8.46
CA ALA B 250 -20.21 -7.90 -7.60
C ALA B 250 -20.75 -6.97 -6.52
N GLU B 251 -19.88 -6.09 -6.02
CA GLU B 251 -20.27 -5.18 -4.94
C GLU B 251 -19.75 -3.80 -5.29
N PRO B 252 -20.44 -3.11 -6.22
CA PRO B 252 -19.95 -1.85 -6.77
C PRO B 252 -19.79 -0.71 -5.73
N GLU B 253 -20.49 -0.78 -4.60
CA GLU B 253 -20.40 0.31 -3.63
C GLU B 253 -19.22 0.17 -2.66
N LEU B 254 -18.38 -0.85 -2.81
CA LEU B 254 -17.25 -0.98 -1.87
C LEU B 254 -16.37 0.27 -1.84
N THR B 255 -16.08 0.76 -0.63
CA THR B 255 -15.03 1.77 -0.43
C THR B 255 -13.65 1.09 -0.56
N LEU B 256 -12.59 1.88 -0.76
CA LEU B 256 -11.24 1.33 -0.76
C LEU B 256 -10.94 0.48 0.49
N ALA B 257 -11.40 0.91 1.66
CA ALA B 257 -11.07 0.18 2.90
C ALA B 257 -11.81 -1.16 2.95
N GLU B 258 -13.04 -1.17 2.45
CA GLU B 258 -13.82 -2.40 2.36
C GLU B 258 -13.22 -3.38 1.36
N LEU B 259 -12.70 -2.83 0.27
CA LEU B 259 -12.09 -3.68 -0.76
C LEU B 259 -10.77 -4.25 -0.23
N ARG B 260 -9.99 -3.43 0.45
CA ARG B 260 -8.73 -3.93 0.99
C ARG B 260 -8.98 -5.01 2.03
N GLN B 261 -10.00 -4.82 2.87
CA GLN B 261 -10.27 -5.81 3.91
C GLN B 261 -10.73 -7.14 3.31
N ARG B 262 -11.49 -7.08 2.22
CA ARG B 262 -11.88 -8.30 1.51
C ARG B 262 -10.71 -9.02 0.85
N LEU B 263 -9.84 -8.25 0.20
CA LEU B 263 -8.65 -8.86 -0.41
C LEU B 263 -7.81 -9.60 0.63
N ILE B 264 -7.68 -9.01 1.82
CA ILE B 264 -6.88 -9.63 2.90
C ILE B 264 -7.63 -10.86 3.38
N HIS B 265 -8.92 -10.70 3.60
CA HIS B 265 -9.73 -11.74 4.22
C HIS B 265 -9.79 -12.98 3.31
N PHE B 266 -9.96 -12.77 2.00
CA PHE B 266 -10.03 -13.90 1.06
C PHE B 266 -8.68 -14.46 0.58
N SER B 267 -7.59 -13.92 1.09
CA SER B 267 -6.27 -14.41 0.73
C SER B 267 -6.01 -15.73 1.44
N ALA B 268 -5.15 -16.56 0.84
CA ALA B 268 -4.55 -17.73 1.51
C ALA B 268 -3.56 -17.22 2.56
N LYS B 269 -3.60 -17.76 3.77
CA LYS B 269 -2.81 -17.21 4.87
C LYS B 269 -1.71 -18.18 5.30
N ASP B 270 -0.57 -17.62 5.70
CA ASP B 270 0.53 -18.39 6.30
C ASP B 270 1.04 -19.48 5.38
N VAL B 271 1.10 -19.19 4.09
CA VAL B 271 1.54 -20.19 3.14
C VAL B 271 2.97 -19.79 2.66
N ILE B 272 3.37 -18.55 2.91
CA ILE B 272 4.74 -18.14 2.56
C ILE B 272 5.72 -18.54 3.67
N ASN B 273 6.86 -19.14 3.32
CA ASN B 273 7.94 -19.39 4.29
C ASN B 273 8.70 -18.09 4.53
N GLU B 274 8.63 -17.58 5.74
CA GLU B 274 9.13 -16.23 5.95
C GLU B 274 10.66 -16.18 6.06
N ALA B 275 11.30 -17.35 6.09
CA ALA B 275 12.77 -17.46 6.03
C ALA B 275 13.40 -16.77 4.82
N TRP B 276 12.65 -16.65 3.73
CA TRP B 276 13.16 -15.98 2.53
C TRP B 276 13.44 -14.49 2.73
N PHE B 277 12.68 -13.88 3.63
CA PHE B 277 12.83 -12.46 3.84
C PHE B 277 13.93 -12.20 4.86
N PRO B 278 14.59 -11.05 4.74
CA PRO B 278 15.54 -10.63 5.78
C PRO B 278 14.85 -10.65 7.13
N GLU B 279 15.61 -10.92 8.18
CA GLU B 279 15.05 -11.20 9.49
C GLU B 279 14.11 -10.13 10.02
N ASP B 280 14.49 -8.86 9.88
CA ASP B 280 13.70 -7.76 10.46
C ASP B 280 12.41 -7.49 9.67
N GLN B 281 12.33 -8.02 8.46
CA GLN B 281 11.18 -7.74 7.60
C GLN B 281 10.08 -8.77 7.75
N ARG B 282 10.40 -9.88 8.42
CA ARG B 282 9.46 -10.98 8.61
C ARG B 282 8.21 -10.56 9.37
N VAL B 283 8.40 -9.92 10.50
CA VAL B 283 7.25 -9.42 11.25
C VAL B 283 6.45 -8.35 10.46
N LEU B 284 7.11 -7.58 9.60
CA LEU B 284 6.44 -6.50 8.87
C LEU B 284 5.67 -6.92 7.60
N THR B 285 6.02 -8.09 7.05
CA THR B 285 5.53 -8.48 5.74
C THR B 285 4.27 -9.35 5.83
N PRO B 286 3.17 -8.97 5.19
CA PRO B 286 1.97 -9.79 5.36
C PRO B 286 2.12 -11.15 4.67
N ASN B 287 1.72 -12.22 5.35
CA ASN B 287 1.84 -13.55 4.80
C ASN B 287 0.46 -13.92 4.21
N LEU B 288 0.24 -13.41 3.00
CA LEU B 288 -1.05 -13.47 2.27
C LEU B 288 -0.80 -13.68 0.78
N VAL B 289 -1.54 -14.60 0.17
CA VAL B 289 -1.48 -14.80 -1.29
C VAL B 289 -2.91 -14.61 -1.77
N ALA B 290 -3.11 -13.64 -2.67
CA ALA B 290 -4.43 -13.22 -3.14
C ALA B 290 -5.24 -14.37 -3.68
N ALA B 291 -6.56 -14.28 -3.50
CA ALA B 291 -7.46 -15.24 -4.10
C ALA B 291 -8.80 -14.57 -4.37
N LEU B 292 -9.53 -15.10 -5.33
CA LEU B 292 -10.92 -14.71 -5.57
C LEU B 292 -11.85 -15.07 -4.42
N PRO B 293 -12.90 -14.27 -4.18
CA PRO B 293 -13.86 -14.62 -3.13
C PRO B 293 -14.58 -15.92 -3.51
N PRO B 294 -14.91 -16.78 -2.53
CA PRO B 294 -15.67 -18.03 -2.65
C PRO B 294 -17.12 -17.77 -3.01
N SER B 295 -17.82 -18.79 -3.51
CA SER B 295 -19.26 -18.67 -3.68
C SER B 295 -20.00 -18.45 -2.36
N THR B 296 -19.43 -18.83 -1.21
CA THR B 296 -20.11 -18.53 0.06
C THR B 296 -20.40 -17.03 0.39
N HIS B 297 -19.63 -16.09 -0.15
CA HIS B 297 -20.02 -14.66 -0.15
C HIS B 297 -19.09 -13.85 -1.06
N GLY B 300 -24.96 -11.05 4.66
CA GLY B 300 -24.60 -11.63 5.94
C GLY B 300 -23.36 -10.97 6.52
N TRP B 301 -23.57 -10.05 7.46
CA TRP B 301 -22.48 -9.21 7.92
C TRP B 301 -21.47 -9.96 8.80
N GLN B 302 -20.20 -9.59 8.63
CA GLN B 302 -19.04 -10.19 9.29
C GLN B 302 -18.07 -9.11 9.73
N LEU B 303 -17.35 -9.38 10.81
CA LEU B 303 -16.38 -8.45 11.33
C LEU B 303 -15.01 -8.63 10.66
N PHE B 304 -14.63 -7.63 9.88
CA PHE B 304 -13.35 -7.66 9.19
C PHE B 304 -12.38 -6.74 9.92
N CYS B 305 -11.18 -7.24 10.22
CA CYS B 305 -10.13 -6.44 10.85
C CYS B 305 -8.83 -6.69 10.11
N ARG B 306 -7.94 -5.69 10.16
CA ARG B 306 -6.62 -5.76 9.55
C ARG B 306 -5.58 -5.10 10.45
N THR B 307 -4.34 -5.52 10.32
CA THR B 307 -3.24 -5.01 11.14
C THR B 307 -2.45 -3.99 10.35
N VAL B 308 -2.28 -2.81 10.93
CA VAL B 308 -1.63 -1.69 10.24
C VAL B 308 -0.37 -1.33 11.03
N TRP B 309 0.80 -1.59 10.44
CA TRP B 309 2.07 -1.21 11.06
C TRP B 309 2.44 0.22 10.68
N SER B 310 2.91 1.02 11.64
CA SER B 310 3.40 2.35 11.32
C SER B 310 4.77 2.27 10.67
N ALA B 311 5.18 3.37 10.06
CA ALA B 311 6.61 3.65 9.88
C ALA B 311 7.35 3.58 11.22
N HIS B 312 8.62 3.15 11.21
CA HIS B 312 9.47 3.12 12.40
C HIS B 312 9.66 4.56 12.92
N SER B 313 9.53 4.76 14.23
CA SER B 313 9.61 6.10 14.84
C SER B 313 10.99 6.79 14.73
N GLY B 314 12.04 6.00 14.52
CA GLY B 314 13.42 6.51 14.59
C GLY B 314 13.85 6.61 16.07
N PRO B 315 15.14 6.92 16.30
CA PRO B 315 15.73 6.78 17.64
C PRO B 315 15.59 7.99 18.60
N THR B 316 14.94 9.09 18.19
CA THR B 316 14.83 10.25 19.10
C THR B 316 14.14 9.90 20.42
N ARG B 317 14.64 10.51 21.50
CA ARG B 317 14.24 10.13 22.86
C ARG B 317 12.73 10.21 23.06
N MET B 318 12.13 11.24 22.47
CA MET B 318 10.68 11.48 22.52
C MET B 318 9.97 11.03 21.24
N ALA B 319 10.55 10.06 20.52
CA ALA B 319 9.99 9.66 19.23
C ALA B 319 8.67 8.94 19.44
N THR B 320 7.72 9.22 18.55
CA THR B 320 6.48 8.47 18.48
C THR B 320 6.20 7.97 17.05
N ALA B 321 5.68 6.76 16.96
CA ALA B 321 5.20 6.19 15.70
C ALA B 321 3.68 6.25 15.71
N ILE B 322 3.04 6.55 14.60
CA ILE B 322 1.57 6.60 14.56
C ILE B 322 1.02 5.66 13.50
N ALA B 323 0.11 4.77 13.92
CA ALA B 323 -0.63 3.91 12.96
C ALA B 323 -2.09 4.37 12.89
N ARG B 324 -2.55 4.68 11.68
CA ARG B 324 -3.93 5.13 11.48
C ARG B 324 -4.79 4.15 10.68
N CYS B 325 -6.09 4.24 10.88
CA CYS B 325 -7.07 3.47 10.14
C CYS B 325 -7.66 4.35 9.06
N ALA B 326 -8.41 3.76 8.13
CA ALA B 326 -9.10 4.52 7.11
C ALA B 326 -10.27 5.24 7.77
N PRO B 327 -10.78 6.30 7.12
CA PRO B 327 -11.90 7.08 7.69
C PRO B 327 -13.09 6.22 8.04
N ASP B 328 -13.40 5.19 7.25
CA ASP B 328 -14.58 4.36 7.53
C ASP B 328 -14.31 3.13 8.42
N GLU B 329 -13.10 3.04 8.96
CA GLU B 329 -12.74 1.96 9.89
C GLU B 329 -12.69 2.49 11.32
N GLU B 330 -12.84 1.60 12.30
CA GLU B 330 -12.63 1.90 13.71
C GLU B 330 -11.34 1.28 14.19
N LEU B 331 -10.56 2.04 14.95
CA LEU B 331 -9.42 1.47 15.68
C LEU B 331 -9.89 0.69 16.90
N LEU B 332 -9.86 -0.63 16.84
CA LEU B 332 -10.28 -1.45 17.99
C LEU B 332 -9.18 -1.82 18.97
N SER B 333 -7.93 -1.74 18.54
CA SER B 333 -6.83 -1.92 19.51
C SER B 333 -5.54 -1.32 18.99
N CYS B 334 -4.52 -1.31 19.84
CA CYS B 334 -3.26 -0.64 19.54
C CYS B 334 -2.17 -1.35 20.30
N SER B 335 -1.15 -1.81 19.59
CA SER B 335 0.01 -2.45 20.20
C SER B 335 1.28 -1.82 19.67
N SER B 336 2.44 -2.32 20.08
CA SER B 336 3.72 -1.76 19.63
C SER B 336 4.80 -2.83 19.69
N PHE B 337 5.96 -2.53 19.10
CA PHE B 337 7.00 -3.53 18.98
C PHE B 337 8.31 -2.77 18.74
N SER B 338 9.35 -3.17 19.45
CA SER B 338 10.73 -2.82 19.10
C SER B 338 11.64 -4.06 19.17
N ARG B 339 12.62 -4.12 18.29
CA ARG B 339 13.49 -5.29 18.23
C ARG B 339 14.40 -5.44 19.43
N SER B 340 14.78 -4.31 20.00
CA SER B 340 15.57 -4.24 21.23
C SER B 340 14.77 -4.45 22.49
N GLY B 341 13.49 -4.12 22.45
CA GLY B 341 12.69 -4.11 23.66
C GLY B 341 12.79 -2.82 24.43
N LYS B 342 13.45 -1.82 23.85
CA LYS B 342 13.58 -0.52 24.49
C LYS B 342 12.42 0.41 24.08
N ARG B 343 11.39 0.44 24.93
CA ARG B 343 10.03 0.69 24.51
C ARG B 343 9.34 1.37 25.69
N ARG B 344 8.54 2.40 25.44
CA ARG B 344 7.65 2.93 26.46
C ARG B 344 6.14 2.66 26.18
N GLY B 345 5.86 1.62 25.38
CA GLY B 345 4.49 1.19 25.06
C GLY B 345 3.69 2.04 24.12
N GLU B 346 2.37 2.02 24.28
CA GLU B 346 1.51 2.70 23.31
C GLU B 346 0.20 3.16 23.92
N ARG B 347 -0.48 4.09 23.24
CA ARG B 347 -1.79 4.60 23.70
C ARG B 347 -2.57 4.99 22.46
N MET B 348 -3.89 4.96 22.58
CA MET B 348 -4.80 5.44 21.55
C MET B 348 -5.16 6.90 21.79
N GLU B 349 -4.90 7.77 20.83
CA GLU B 349 -5.16 9.20 21.04
C GLU B 349 -6.02 9.69 19.89
N ALA B 350 -6.91 10.62 20.23
CA ALA B 350 -7.78 11.21 19.24
C ALA B 350 -7.05 12.27 18.44
N GLN B 351 -7.52 12.48 17.22
CA GLN B 351 -6.77 13.27 16.26
C GLN B 351 -7.72 13.53 15.10
N GLY B 352 -8.09 14.79 14.94
CA GLY B 352 -9.15 15.13 14.00
C GLY B 352 -10.41 14.37 14.33
N GLY B 353 -10.70 14.18 15.62
CA GLY B 353 -11.92 13.50 16.02
C GLY B 353 -11.95 12.01 15.73
N LYS B 354 -10.77 11.41 15.59
CA LYS B 354 -10.67 10.00 15.23
C LYS B 354 -9.48 9.39 15.96
N LEU B 355 -9.65 8.17 16.46
CA LEU B 355 -8.61 7.56 17.26
C LEU B 355 -7.51 6.95 16.40
N VAL B 356 -6.26 7.21 16.80
CA VAL B 356 -5.06 6.69 16.14
C VAL B 356 -4.28 5.93 17.21
N CYS B 357 -3.36 5.06 16.76
CA CYS B 357 -2.52 4.27 17.65
C CYS B 357 -1.13 4.92 17.71
N ARG B 358 -0.71 5.35 18.89
CA ARG B 358 0.60 5.99 19.04
C ARG B 358 1.52 5.20 19.95
N ALA B 359 2.76 4.97 19.49
CA ALA B 359 3.74 4.20 20.26
C ALA B 359 4.91 5.08 20.60
N HIS B 360 5.56 4.79 21.72
CA HIS B 360 6.60 5.66 22.29
C HIS B 360 7.91 4.95 22.40
N ASN B 361 8.97 5.61 21.93
CA ASN B 361 10.32 5.06 22.02
C ASN B 361 10.84 5.28 23.42
N ALA B 362 11.75 4.42 23.87
CA ALA B 362 12.43 4.62 25.15
C ALA B 362 13.72 5.40 24.92
N PHE B 363 14.19 6.05 25.98
CA PHE B 363 15.50 6.68 25.96
C PHE B 363 16.60 5.68 25.62
N GLY B 364 17.32 5.95 24.55
CA GLY B 364 18.36 5.05 24.06
C GLY B 364 17.89 3.95 23.15
N GLY B 365 16.58 3.89 22.90
CA GLY B 365 16.01 2.93 21.95
C GLY B 365 16.29 3.36 20.52
N GLU B 366 16.47 2.38 19.64
CA GLU B 366 16.58 2.65 18.20
C GLU B 366 15.27 3.08 17.56
N GLY B 367 14.17 2.89 18.27
CA GLY B 367 12.84 3.21 17.74
C GLY B 367 11.80 2.10 17.89
N VAL B 368 10.55 2.45 17.58
CA VAL B 368 9.44 1.51 17.78
C VAL B 368 8.44 1.62 16.66
N TYR B 369 7.60 0.59 16.54
CA TYR B 369 6.46 0.60 15.63
C TYR B 369 5.17 0.67 16.43
N ALA B 370 4.23 1.44 15.91
CA ALA B 370 2.85 1.43 16.40
C ALA B 370 2.10 0.49 15.48
N ILE B 371 1.19 -0.31 16.06
CA ILE B 371 0.55 -1.41 15.33
C ILE B 371 -0.94 -1.31 15.62
N ALA B 372 -1.69 -0.76 14.68
CA ALA B 372 -3.14 -0.64 14.80
C ALA B 372 -3.91 -1.87 14.32
N ARG B 373 -5.01 -2.15 14.99
CA ARG B 373 -6.02 -3.09 14.50
C ARG B 373 -7.24 -2.30 14.07
N CYS B 374 -7.47 -2.25 12.75
CA CYS B 374 -8.45 -1.37 12.14
C CYS B 374 -9.55 -2.27 11.58
N CYS B 375 -10.80 -1.97 11.91
CA CYS B 375 -11.89 -2.90 11.66
C CYS B 375 -13.09 -2.20 11.06
N LEU B 376 -13.91 -2.93 10.31
CA LEU B 376 -15.11 -2.34 9.74
C LEU B 376 -16.27 -2.67 10.69
N LEU B 377 -16.70 -1.67 11.45
CA LEU B 377 -17.68 -1.86 12.50
C LEU B 377 -18.58 -0.65 12.38
N PRO B 378 -19.62 -0.73 11.55
CA PRO B 378 -20.57 0.38 11.49
C PRO B 378 -21.51 0.41 12.68
N GLN B 379 -21.93 1.61 13.08
CA GLN B 379 -22.83 1.80 14.22
C GLN B 379 -22.09 1.59 15.53
N ALA B 380 -20.78 1.39 15.45
CA ALA B 380 -20.02 1.26 16.68
C ALA B 380 -19.85 2.64 17.25
N ASN B 381 -20.01 2.71 18.56
CA ASN B 381 -19.63 3.86 19.33
C ASN B 381 -18.54 3.44 20.29
N CYS B 382 -17.30 3.82 19.97
CA CYS B 382 -16.13 3.40 20.74
C CYS B 382 -15.47 4.53 21.49
N SER B 383 -14.94 4.19 22.65
CA SER B 383 -14.31 5.19 23.48
C SER B 383 -13.05 4.60 24.09
N VAL B 384 -12.26 5.42 24.77
CA VAL B 384 -11.10 4.93 25.50
C VAL B 384 -11.23 5.24 26.97
N HIS B 385 -10.89 4.26 27.83
CA HIS B 385 -10.92 4.45 29.28
C HIS B 385 -9.48 4.28 29.71
N THR B 386 -8.97 5.27 30.41
CA THR B 386 -7.57 5.27 30.79
C THR B 386 -7.40 5.32 32.28
N ALA B 387 -6.39 4.62 32.80
CA ALA B 387 -6.08 4.90 34.18
C ALA B 387 -4.58 5.14 34.20
N PRO B 388 -4.17 6.21 34.89
CA PRO B 388 -2.74 6.53 35.01
C PRO B 388 -2.12 5.59 36.03
N PRO B 389 -0.78 5.58 36.16
CA PRO B 389 -0.21 4.59 37.09
C PRO B 389 -0.72 4.60 38.56
N ALA B 390 -1.12 3.40 39.01
CA ALA B 390 -1.60 3.05 40.36
C ALA B 390 -0.46 2.92 41.37
N GLU B 391 -0.73 2.11 42.40
CA GLU B 391 0.28 1.20 42.92
C GLU B 391 -0.25 -0.24 43.04
N GLY B 395 -1.37 -3.47 41.25
CA GLY B 395 -0.95 -3.06 39.91
C GLY B 395 -2.02 -2.14 39.29
N THR B 396 -1.87 -1.66 38.05
CA THR B 396 -2.89 -0.76 37.44
C THR B 396 -3.99 -1.41 36.57
N ARG B 397 -5.23 -0.97 36.75
CA ARG B 397 -6.44 -1.62 36.17
C ARG B 397 -7.46 -0.60 35.67
N VAL B 398 -8.18 -0.95 34.60
CA VAL B 398 -9.27 -0.11 34.06
C VAL B 398 -10.27 -1.01 33.33
N HIS B 399 -11.55 -0.67 33.37
CA HIS B 399 -12.55 -1.51 32.71
C HIS B 399 -13.62 -0.73 31.94
N CYS B 400 -14.29 -1.42 31.02
CA CYS B 400 -15.41 -0.80 30.32
C CYS B 400 -16.66 -0.86 31.19
N HIS B 401 -16.92 0.22 31.92
CA HIS B 401 -17.94 0.26 32.97
C HIS B 401 -19.37 0.51 32.47
N HIS B 405 -21.24 -2.12 26.83
CA HIS B 405 -19.95 -1.98 26.16
C HIS B 405 -19.12 -3.27 26.22
N VAL B 406 -18.43 -3.57 25.12
CA VAL B 406 -17.50 -4.71 25.03
C VAL B 406 -16.08 -4.18 24.94
N LEU B 407 -15.14 -4.85 25.62
CA LEU B 407 -13.73 -4.52 25.49
C LEU B 407 -13.13 -5.17 24.24
N THR B 408 -12.51 -4.35 23.40
CA THR B 408 -11.94 -4.84 22.13
C THR B 408 -10.40 -4.80 22.14
N GLY B 409 -9.79 -4.14 23.11
CA GLY B 409 -8.34 -3.89 23.08
C GLY B 409 -7.79 -3.31 24.36
N CYS B 410 -6.61 -3.79 24.78
CA CYS B 410 -5.84 -3.17 25.87
C CYS B 410 -4.53 -2.60 25.39
N SER B 411 -4.20 -1.40 25.85
CA SER B 411 -2.90 -0.80 25.61
C SER B 411 -2.30 -0.29 26.90
N SER B 412 -0.99 -0.05 26.91
CA SER B 412 -0.33 0.46 28.12
C SER B 412 0.88 1.29 27.68
N HIS B 413 1.05 2.48 28.25
CA HIS B 413 2.33 3.18 28.07
C HIS B 413 2.88 3.63 29.44
N TRP B 414 4.18 3.86 29.50
CA TRP B 414 4.81 4.34 30.72
C TRP B 414 5.76 5.49 30.42
N GLU B 415 6.10 6.27 31.42
CA GLU B 415 7.03 7.36 31.17
C GLU B 415 8.35 7.06 31.91
N VAL B 416 8.36 5.98 32.68
CA VAL B 416 9.55 5.58 33.42
C VAL B 416 10.54 4.82 32.52
N GLU B 417 11.81 4.87 32.89
CA GLU B 417 12.92 4.20 32.20
C GLU B 417 12.92 2.65 32.30
N ASP B 418 12.52 2.12 33.45
CA ASP B 418 12.33 0.67 33.69
C ASP B 418 11.42 0.43 34.90
N LEU B 419 10.97 -0.81 35.13
CA LEU B 419 10.08 -1.08 36.27
C LEU B 419 10.75 -0.89 37.63
N PRO B 433 -12.08 -9.41 32.42
CA PRO B 433 -13.50 -9.10 32.65
C PRO B 433 -14.07 -7.80 32.01
N ASN B 434 -13.87 -7.62 30.69
CA ASN B 434 -13.89 -6.27 30.12
C ASN B 434 -12.92 -5.36 30.84
N GLN B 435 -11.90 -5.98 31.44
CA GLN B 435 -10.85 -5.30 32.20
C GLN B 435 -9.45 -5.42 31.60
N CYS B 436 -8.71 -4.31 31.57
CA CYS B 436 -7.30 -4.38 31.22
C CYS B 436 -6.47 -4.19 32.47
N VAL B 437 -5.35 -4.89 32.54
CA VAL B 437 -4.46 -4.76 33.67
C VAL B 437 -3.05 -4.49 33.20
N GLY B 438 -2.44 -3.45 33.77
CA GLY B 438 -1.04 -3.11 33.49
C GLY B 438 -0.09 -3.11 34.68
N HIS B 439 1.17 -2.79 34.38
CA HIS B 439 2.18 -2.55 35.40
C HIS B 439 1.82 -1.36 36.31
N ARG B 440 2.26 -1.44 37.55
CA ARG B 440 1.89 -0.46 38.56
C ARG B 440 2.41 0.94 38.21
N GLU B 441 3.49 1.00 37.44
CA GLU B 441 4.09 2.27 37.01
C GLU B 441 3.64 2.71 35.62
N ALA B 442 2.71 1.97 35.02
CA ALA B 442 2.28 2.27 33.65
C ALA B 442 0.84 2.75 33.60
N SER B 443 0.51 3.57 32.60
CA SER B 443 -0.90 3.88 32.34
C SER B 443 -1.51 2.74 31.54
N ILE B 444 -2.81 2.52 31.68
CA ILE B 444 -3.44 1.38 31.00
C ILE B 444 -4.67 1.96 30.31
N HIS B 445 -4.94 1.50 29.09
CA HIS B 445 -5.99 2.05 28.25
C HIS B 445 -6.87 0.95 27.71
N ALA B 446 -8.18 1.11 27.84
CA ALA B 446 -9.10 0.09 27.33
C ALA B 446 -9.88 0.69 26.20
N SER B 447 -9.98 -0.02 25.08
CA SER B 447 -10.90 0.37 24.01
C SER B 447 -12.21 -0.34 24.24
N CYS B 448 -13.26 0.45 24.44
CA CYS B 448 -14.56 -0.05 24.78
C CYS B 448 -15.56 0.39 23.71
N CYS B 449 -16.27 -0.56 23.14
CA CYS B 449 -17.25 -0.22 22.12
C CYS B 449 -18.65 -0.67 22.51
N HIS B 450 -19.58 0.19 22.16
CA HIS B 450 -20.97 -0.17 22.12
C HIS B 450 -21.26 -0.68 20.76
N ALA B 451 -21.46 -1.97 20.71
CA ALA B 451 -21.64 -2.60 19.44
C ALA B 451 -22.63 -3.72 19.57
N PRO B 452 -23.92 -3.37 19.48
CA PRO B 452 -24.89 -4.38 19.89
C PRO B 452 -24.77 -5.41 18.78
N GLY B 453 -24.70 -6.68 19.12
CA GLY B 453 -24.73 -7.74 18.13
C GLY B 453 -23.31 -8.27 18.01
N LEU B 454 -22.44 -7.82 18.92
CA LEU B 454 -21.02 -8.08 18.82
C LEU B 454 -20.84 -8.94 20.03
N GLU B 455 -20.28 -10.12 19.87
CA GLU B 455 -19.88 -10.87 21.03
C GLU B 455 -18.37 -10.89 21.06
N CYS B 456 -17.77 -10.69 22.23
CA CYS B 456 -16.32 -10.82 22.34
C CYS B 456 -15.94 -11.71 23.51
N LYS B 457 -14.85 -12.45 23.33
CA LYS B 457 -14.25 -13.23 24.39
C LYS B 457 -12.74 -13.03 24.45
N VAL B 458 -12.15 -13.40 25.57
CA VAL B 458 -10.72 -13.28 25.77
C VAL B 458 -10.07 -14.65 25.97
N LYS B 459 -9.03 -14.92 25.19
CA LYS B 459 -8.32 -16.19 25.25
C LYS B 459 -6.86 -15.93 25.61
N GLU B 460 -6.36 -16.67 26.59
CA GLU B 460 -5.04 -16.44 27.13
C GLU B 460 -4.18 -17.67 26.89
N HIS B 461 -2.87 -17.49 26.73
CA HIS B 461 -1.95 -18.61 26.75
C HIS B 461 -0.55 -18.19 27.19
N GLY B 462 0.02 -18.94 28.12
CA GLY B 462 1.36 -18.65 28.59
C GLY B 462 2.25 -19.86 28.76
N ILE B 463 3.56 -19.63 28.64
CA ILE B 463 4.55 -20.69 28.75
C ILE B 463 5.81 -20.08 29.39
N PRO B 464 6.74 -20.93 29.88
CA PRO B 464 8.10 -20.57 30.30
C PRO B 464 8.79 -19.50 29.44
N GLN B 467 11.32 -18.35 26.51
CA GLN B 467 10.45 -18.42 25.33
C GLN B 467 10.49 -17.16 24.47
N GLU B 468 10.89 -17.32 23.21
CA GLU B 468 11.18 -16.20 22.32
C GLU B 468 9.88 -15.62 21.81
N GLN B 469 8.86 -16.47 21.78
CA GLN B 469 7.60 -16.13 21.17
C GLN B 469 6.51 -17.03 21.71
N VAL B 470 5.44 -16.43 22.20
CA VAL B 470 4.25 -17.17 22.58
C VAL B 470 3.06 -16.69 21.74
N THR B 471 2.10 -17.57 21.51
CA THR B 471 1.14 -17.41 20.43
C THR B 471 -0.20 -17.95 20.90
N VAL B 472 -1.29 -17.24 20.59
CA VAL B 472 -2.64 -17.69 20.91
C VAL B 472 -3.58 -17.18 19.82
N ALA B 473 -4.40 -18.10 19.30
CA ALA B 473 -5.28 -17.83 18.17
C ALA B 473 -6.76 -17.81 18.52
N CYS B 474 -7.52 -16.89 17.93
CA CYS B 474 -8.97 -16.97 18.01
C CYS B 474 -9.48 -18.21 17.27
N GLU B 475 -10.69 -18.63 17.62
CA GLU B 475 -11.34 -19.79 17.01
C GLU B 475 -11.88 -19.42 15.64
N GLU B 476 -12.01 -20.40 14.74
CA GLU B 476 -12.55 -20.13 13.40
C GLU B 476 -13.91 -19.43 13.50
N GLY B 477 -14.10 -18.40 12.67
CA GLY B 477 -15.31 -17.60 12.65
C GLY B 477 -15.31 -16.42 13.62
N TRP B 478 -14.23 -16.30 14.38
CA TRP B 478 -14.02 -15.17 15.29
C TRP B 478 -12.91 -14.28 14.73
N THR B 479 -13.00 -12.99 15.00
CA THR B 479 -12.01 -12.06 14.47
C THR B 479 -11.16 -11.47 15.62
N LEU B 480 -9.85 -11.62 15.57
CA LEU B 480 -8.98 -11.01 16.58
C LEU B 480 -9.09 -9.48 16.48
N THR B 481 -9.49 -8.84 17.58
CA THR B 481 -9.56 -7.38 17.64
C THR B 481 -8.39 -6.80 18.43
N GLY B 482 -7.90 -7.55 19.42
CA GLY B 482 -6.81 -7.08 20.26
C GLY B 482 -5.80 -8.14 20.67
N CYS B 483 -4.54 -7.72 20.80
CA CYS B 483 -3.46 -8.64 21.13
C CYS B 483 -2.51 -7.92 22.05
N SER B 484 -2.22 -8.51 23.22
CA SER B 484 -1.34 -7.84 24.17
C SER B 484 -0.67 -8.90 25.05
N ALA B 485 0.37 -8.50 25.77
CA ALA B 485 1.03 -9.40 26.71
C ALA B 485 0.61 -9.05 28.14
N LEU B 486 0.26 -10.06 28.93
CA LEU B 486 0.06 -9.88 30.37
C LEU B 486 1.36 -9.27 30.94
N PRO B 487 1.24 -8.30 31.86
CA PRO B 487 2.49 -7.74 32.42
C PRO B 487 3.20 -8.63 33.44
N SER B 490 10.17 -12.77 30.16
CA SER B 490 9.79 -11.80 31.19
C SER B 490 9.94 -10.36 30.73
N HIS B 491 10.91 -10.10 29.87
CA HIS B 491 11.02 -8.81 29.17
C HIS B 491 10.50 -8.84 27.73
N VAL B 492 9.36 -8.20 27.49
CA VAL B 492 8.71 -8.31 26.19
C VAL B 492 9.13 -7.23 25.18
N LEU B 493 9.39 -7.69 23.94
CA LEU B 493 9.66 -6.82 22.80
C LEU B 493 8.43 -6.14 22.24
N GLY B 494 7.31 -6.86 22.27
CA GLY B 494 6.06 -6.29 21.79
C GLY B 494 5.04 -7.35 21.49
N ALA B 495 3.90 -6.93 20.96
CA ALA B 495 2.84 -7.86 20.65
C ALA B 495 2.19 -7.36 19.34
N TYR B 496 1.65 -8.27 18.54
CA TYR B 496 0.99 -7.89 17.27
C TYR B 496 0.08 -9.02 16.83
N ALA B 497 -1.04 -8.65 16.21
CA ALA B 497 -1.94 -9.59 15.59
C ALA B 497 -1.36 -10.00 14.24
N VAL B 498 -1.32 -11.31 13.96
CA VAL B 498 -1.01 -11.83 12.62
C VAL B 498 -2.26 -12.58 12.22
N ASP B 499 -3.04 -12.00 11.30
CA ASP B 499 -4.35 -12.55 10.95
C ASP B 499 -5.23 -12.64 12.22
N ASN B 500 -5.61 -13.85 12.64
CA ASN B 500 -6.42 -14.02 13.86
C ASN B 500 -5.63 -14.67 14.97
N THR B 501 -4.31 -14.53 14.91
CA THR B 501 -3.39 -15.04 15.91
C THR B 501 -2.68 -13.88 16.59
N CYS B 502 -2.69 -13.86 17.92
CA CYS B 502 -1.99 -12.83 18.68
C CYS B 502 -0.58 -13.34 18.95
N VAL B 503 0.43 -12.55 18.58
CA VAL B 503 1.79 -12.97 18.81
C VAL B 503 2.48 -12.09 19.83
N VAL B 504 3.08 -12.70 20.85
CA VAL B 504 3.89 -11.96 21.81
C VAL B 504 5.36 -12.34 21.70
N ARG B 505 6.23 -11.34 21.60
CA ARG B 505 7.65 -11.60 21.42
C ARG B 505 8.38 -11.16 22.68
N SER B 506 9.22 -12.02 23.23
CA SER B 506 10.02 -11.58 24.37
C SER B 506 11.49 -11.92 24.20
N ARG B 507 12.31 -11.37 25.09
CA ARG B 507 13.75 -11.58 25.04
C ARG B 507 14.17 -12.83 25.80
N ALA B 519 7.56 -16.91 31.80
CA ALA B 519 6.18 -16.82 32.26
C ALA B 519 5.45 -15.70 31.51
N VAL B 520 5.56 -15.73 30.19
CA VAL B 520 4.88 -14.77 29.33
C VAL B 520 3.53 -15.26 28.91
N THR B 521 2.57 -14.34 28.80
CA THR B 521 1.21 -14.74 28.57
C THR B 521 0.69 -13.81 27.49
N ALA B 522 0.26 -14.42 26.40
CA ALA B 522 -0.38 -13.74 25.29
C ALA B 522 -1.86 -13.64 25.58
N VAL B 523 -2.47 -12.51 25.26
CA VAL B 523 -3.89 -12.32 25.50
C VAL B 523 -4.52 -11.84 24.23
N ALA B 524 -5.46 -12.63 23.70
CA ALA B 524 -6.17 -12.29 22.48
C ALA B 524 -7.60 -11.95 22.84
N ILE B 525 -8.09 -10.85 22.30
CA ILE B 525 -9.51 -10.49 22.38
C ILE B 525 -10.11 -10.82 21.04
N CYS B 526 -11.15 -11.66 21.04
CA CYS B 526 -11.75 -12.16 19.81
C CYS B 526 -13.24 -11.82 19.75
N CYS B 527 -13.70 -11.31 18.62
CA CYS B 527 -15.11 -10.91 18.54
C CYS B 527 -15.76 -11.48 17.27
N ARG B 528 -17.08 -11.56 17.29
CA ARG B 528 -17.87 -11.94 16.11
C ARG B 528 -19.28 -11.33 16.17
N SER B 529 -19.99 -11.34 15.04
CA SER B 529 -21.42 -11.02 15.03
C SER B 529 -22.18 -12.02 15.89
O1 YBX C 1 9.81 -14.47 -16.39
C5 YBX C 1 10.66 -15.23 -16.85
C6 YBX C 1 10.23 -16.55 -17.47
S1 YBX C 1 9.25 -17.60 -16.37
C7 YBX C 1 10.44 -17.78 -15.03
C8 YBX C 1 10.37 -19.09 -14.26
N PHE C 2 11.97 -14.95 -16.83
CA PHE C 2 12.53 -13.71 -16.33
C PHE C 2 13.05 -13.05 -17.61
N VAL C 3 12.27 -12.15 -18.23
CA VAL C 3 12.58 -11.47 -19.50
C VAL C 3 13.24 -10.10 -19.32
N GLY C 4 14.03 -9.69 -20.31
CA GLY C 4 14.77 -8.44 -20.38
C GLY C 4 13.83 -7.23 -20.41
N THR C 5 12.55 -7.39 -20.74
CA THR C 5 11.59 -6.29 -20.81
C THR C 5 11.07 -5.92 -19.43
N THR C 6 11.43 -6.73 -18.44
CA THR C 6 11.06 -6.61 -17.04
C THR C 6 12.31 -6.09 -16.33
N PHA C 7 12.30 -4.88 -15.78
CA PHA C 7 13.44 -4.33 -15.05
C PHA C 7 13.53 -5.04 -13.66
O PHA C 7 12.48 -5.21 -13.01
CB PHA C 7 13.38 -2.78 -15.11
CG PHA C 7 14.60 -2.04 -14.59
CD1 PHA C 7 15.75 -1.90 -15.40
CD2 PHA C 7 14.59 -1.46 -13.29
CE1 PHA C 7 16.89 -1.21 -14.92
CE2 PHA C 7 15.74 -0.77 -12.82
CZ PHA C 7 16.90 -0.65 -13.63
N MAA C 8 14.69 -5.52 -13.17
CM MAA C 8 14.68 -6.20 -11.85
CA MAA C 8 16.00 -5.38 -13.80
CB MAA C 8 16.95 -4.47 -12.99
C MAA C 8 16.62 -6.69 -14.29
O MAA C 8 17.80 -6.94 -14.11
N BIF C 9 15.82 -7.57 -14.88
CA BIF C 9 16.29 -8.85 -15.36
C BIF C 9 17.12 -8.68 -16.63
CB BIF C 9 15.13 -9.86 -15.58
CG BIF C 9 14.19 -10.02 -14.39
CD2 BIF C 9 12.80 -10.02 -14.60
CE2 BIF C 9 11.95 -10.19 -13.50
CZ BIF C 9 12.47 -10.33 -12.19
CE1 BIF C 9 13.86 -10.33 -12.00
CD1 BIF C 9 14.72 -10.18 -13.10
C8 BIF C 9 9.50 -11.43 -10.08
C9 BIF C 9 9.72 -10.71 -8.89
C10 BIF C 9 10.86 -9.89 -8.80
C11 BIF C 9 11.76 -9.77 -9.87
C12 BIF C 9 11.54 -10.49 -11.06
C13 BIF C 9 10.40 -11.30 -11.16
O BIF C 9 16.83 -7.78 -17.43
C7 EME C 10 18.48 -10.60 -15.98
N EME C 10 18.14 -9.51 -16.92
CA EME C 10 18.88 -9.37 -18.17
C EME C 10 17.92 -9.77 -19.29
O EME C 10 17.27 -10.82 -19.21
CB EME C 10 20.27 -10.05 -18.10
CG EME C 10 21.34 -9.29 -18.92
CD EME C 10 21.60 -7.88 -18.37
OE2 EME C 10 21.61 -7.58 -17.17
OE1 EME C 10 21.81 -6.99 -19.37
N NEH C 11 17.76 -9.00 -20.37
CA NEH C 11 16.88 -9.37 -21.46
CB NEH C 11 15.71 -8.38 -21.59
#